data_2H65
#
_entry.id   2H65
#
_cell.length_a   49.890
_cell.length_b   67.400
_cell.length_c   93.490
_cell.angle_alpha   90.000
_cell.angle_beta   100.800
_cell.angle_gamma   90.000
#
_symmetry.space_group_name_H-M   'P 1 21 1'
#
loop_
_entity.id
_entity.type
_entity.pdbx_description
1 polymer 'caspase-3, p17 subunit'
2 polymer 'caspase-3, p12 subunit'
3 polymer Ac-VDVAD-Cho
4 water water
#
loop_
_entity_poly.entity_id
_entity_poly.type
_entity_poly.pdbx_seq_one_letter_code
_entity_poly.pdbx_strand_id
1 'polypeptide(L)'
;SGISLDNSYKMDYPEMGLCIIINNKNFHKSTGMTSRSGTDVDAANLRETFRNLKYEVRNKNDLTREEIVELMRDVSKEDH
SKRSSFVCVLLSHGEEGIIFGTNGPVDLKKITNFFRGDRCRSLTGKPKLFIIQACRGTELDCGIET
;
A,C
2 'polypeptide(L)'
;CHKIPVEADFLYAYSTAPGYYSWRNSKDGSWFIQSLCAMLKQYADKLEFMHILTRVNRKVATEFESFSFDATFHAKKQIP
CIVSMLTKELYFYHH
;
B,D
3 'polypeptide(L)' (ACE)VDVA(ASJ) E,F
#
loop_
_chem_comp.id
_chem_comp.type
_chem_comp.name
_chem_comp.formula
ACE non-polymer 'ACETYL GROUP' 'C2 H4 O'
ASJ peptide-like '(3S)-3-amino-4-hydroxybutanoic acid' 'C4 H9 N O3'
#
# COMPACT_ATOMS: atom_id res chain seq x y z
N ASN A 7 2.67 16.36 10.57
CA ASN A 7 2.97 16.09 12.00
C ASN A 7 2.73 14.62 12.36
N SER A 8 2.55 14.34 13.65
CA SER A 8 2.38 12.96 14.07
C SER A 8 1.13 12.70 14.90
N TYR A 9 0.70 11.43 14.90
CA TYR A 9 -0.45 11.02 15.68
C TYR A 9 -0.21 11.23 17.15
N LYS A 10 -1.26 11.64 17.87
CA LYS A 10 -1.14 11.84 19.30
C LYS A 10 -1.07 10.45 19.95
N MET A 11 0.04 10.11 20.59
CA MET A 11 0.18 8.80 21.21
C MET A 11 0.35 8.93 22.72
N ASP A 12 -0.14 10.01 23.30
CA ASP A 12 0.00 10.18 24.74
C ASP A 12 -1.32 10.07 25.50
N TYR A 13 -2.14 9.10 25.09
CA TYR A 13 -3.40 8.84 25.77
C TYR A 13 -3.01 7.93 26.93
N PRO A 14 -3.92 7.71 27.89
CA PRO A 14 -3.64 6.85 29.04
C PRO A 14 -3.10 5.48 28.62
N GLU A 15 -3.56 5.02 27.46
CA GLU A 15 -3.16 3.72 26.94
C GLU A 15 -2.83 3.78 25.44
N MET A 16 -1.91 2.91 25.03
CA MET A 16 -1.50 2.82 23.63
C MET A 16 -2.64 2.22 22.83
N GLY A 17 -3.34 1.27 23.44
CA GLY A 17 -4.45 0.64 22.76
C GLY A 17 -4.47 -0.86 22.90
N LEU A 18 -5.39 -1.49 22.19
CA LEU A 18 -5.52 -2.94 22.23
C LEU A 18 -4.80 -3.53 21.04
N CYS A 19 -4.27 -4.73 21.22
CA CYS A 19 -3.60 -5.42 20.15
C CYS A 19 -4.22 -6.81 20.12
N ILE A 20 -5.05 -7.05 19.11
CA ILE A 20 -5.73 -8.32 18.98
C ILE A 20 -4.94 -9.21 18.03
N ILE A 21 -4.57 -10.39 18.50
CA ILE A 21 -3.82 -11.34 17.71
C ILE A 21 -4.71 -12.56 17.49
N ILE A 22 -5.05 -12.84 16.23
CA ILE A 22 -5.87 -14.00 15.91
C ILE A 22 -4.91 -14.99 15.26
N ASN A 23 -4.62 -16.06 15.97
CA ASN A 23 -3.71 -17.06 15.47
C ASN A 23 -4.40 -18.39 15.13
N ASN A 24 -4.55 -18.69 13.85
CA ASN A 24 -5.18 -19.94 13.43
C ASN A 24 -4.15 -20.95 12.93
N LYS A 25 -3.99 -22.03 13.68
CA LYS A 25 -3.03 -23.07 13.35
C LYS A 25 -3.68 -24.31 12.69
N ASN A 26 -4.81 -24.74 13.24
CA ASN A 26 -5.53 -25.91 12.76
C ASN A 26 -6.83 -25.58 12.05
N PHE A 27 -7.01 -26.17 10.87
CA PHE A 27 -8.19 -25.96 10.06
C PHE A 27 -8.96 -27.25 9.79
N HIS A 28 -10.25 -27.10 9.50
CA HIS A 28 -11.10 -28.24 9.21
C HIS A 28 -10.59 -28.86 7.91
N LYS A 29 -10.54 -30.19 7.86
CA LYS A 29 -10.06 -30.90 6.67
C LYS A 29 -10.67 -30.45 5.34
N SER A 30 -11.90 -29.97 5.37
CA SER A 30 -12.56 -29.52 4.15
C SER A 30 -11.80 -28.38 3.47
N THR A 31 -11.05 -27.61 4.26
CA THR A 31 -10.30 -26.48 3.73
C THR A 31 -9.12 -26.95 2.87
N GLY A 32 -8.48 -28.04 3.29
CA GLY A 32 -7.35 -28.56 2.55
C GLY A 32 -6.02 -27.91 2.92
N MET A 33 -5.98 -27.22 4.05
CA MET A 33 -4.75 -26.57 4.49
C MET A 33 -4.23 -27.29 5.74
N THR A 34 -3.02 -27.83 5.68
CA THR A 34 -2.46 -28.53 6.84
C THR A 34 -2.03 -27.53 7.92
N SER A 35 -1.83 -28.06 9.13
CA SER A 35 -1.44 -27.30 10.30
C SER A 35 -0.36 -26.24 9.98
N ARG A 36 -0.51 -25.04 10.53
CA ARG A 36 0.46 -23.97 10.27
C ARG A 36 1.56 -23.92 11.33
N SER A 37 2.39 -24.98 11.36
CA SER A 37 3.47 -25.08 12.33
C SER A 37 4.43 -23.90 12.26
N GLY A 38 4.79 -23.41 13.44
CA GLY A 38 5.68 -22.26 13.54
C GLY A 38 4.89 -21.02 13.87
N THR A 39 3.57 -21.08 13.65
CA THR A 39 2.71 -19.92 13.90
C THR A 39 2.62 -19.55 15.39
N ASP A 40 2.79 -20.53 16.28
CA ASP A 40 2.75 -20.27 17.73
C ASP A 40 3.95 -19.44 18.13
N VAL A 41 5.08 -19.71 17.50
CA VAL A 41 6.30 -18.98 17.76
C VAL A 41 5.98 -17.54 17.35
N ASP A 42 5.35 -17.37 16.19
CA ASP A 42 5.00 -16.03 15.74
C ASP A 42 4.10 -15.33 16.75
N ALA A 43 2.96 -15.95 17.08
CA ALA A 43 2.02 -15.34 18.01
C ALA A 43 2.70 -14.92 19.31
N ALA A 44 3.60 -15.76 19.83
CA ALA A 44 4.32 -15.49 21.07
C ALA A 44 5.30 -14.34 20.89
N ASN A 45 5.88 -14.28 19.71
CA ASN A 45 6.82 -13.24 19.40
C ASN A 45 6.09 -11.89 19.39
N LEU A 46 4.94 -11.86 18.73
CA LEU A 46 4.12 -10.66 18.64
C LEU A 46 3.60 -10.20 19.97
N ARG A 47 3.27 -11.16 20.83
CA ARG A 47 2.76 -10.81 22.14
C ARG A 47 3.84 -10.08 22.91
N GLU A 48 5.04 -10.63 22.94
CA GLU A 48 6.13 -10.01 23.67
C GLU A 48 6.51 -8.65 23.08
N THR A 49 6.52 -8.55 21.76
CA THR A 49 6.85 -7.30 21.09
C THR A 49 5.86 -6.19 21.43
N PHE A 50 4.58 -6.44 21.24
CA PHE A 50 3.60 -5.43 21.53
C PHE A 50 3.48 -5.13 23.02
N ARG A 51 3.82 -6.11 23.86
CA ARG A 51 3.79 -5.88 25.30
C ARG A 51 4.83 -4.81 25.66
N ASN A 52 5.99 -4.85 24.99
CA ASN A 52 7.04 -3.86 25.26
C ASN A 52 6.70 -2.49 24.69
N LEU A 53 5.73 -2.44 23.80
CA LEU A 53 5.32 -1.17 23.22
C LEU A 53 4.13 -0.65 24.02
N LYS A 54 3.77 -1.39 25.06
CA LYS A 54 2.68 -1.04 25.97
C LYS A 54 1.27 -1.26 25.44
N TYR A 55 1.10 -2.23 24.56
CA TYR A 55 -0.23 -2.51 24.05
C TYR A 55 -0.82 -3.61 24.91
N GLU A 56 -2.12 -3.55 25.15
CA GLU A 56 -2.78 -4.60 25.93
C GLU A 56 -3.03 -5.69 24.90
N VAL A 57 -2.20 -6.73 24.94
CA VAL A 57 -2.34 -7.81 23.97
C VAL A 57 -3.35 -8.87 24.34
N ARG A 58 -4.19 -9.25 23.39
CA ARG A 58 -5.16 -10.30 23.62
C ARG A 58 -4.96 -11.37 22.55
N ASN A 59 -4.47 -12.53 22.95
CA ASN A 59 -4.26 -13.62 22.00
C ASN A 59 -5.50 -14.50 21.91
N LYS A 60 -5.88 -14.83 20.68
CA LYS A 60 -7.03 -15.68 20.41
C LYS A 60 -6.54 -16.75 19.44
N ASN A 61 -6.81 -18.01 19.74
CA ASN A 61 -6.36 -19.10 18.88
C ASN A 61 -7.51 -19.86 18.25
N ASP A 62 -7.29 -20.32 17.01
CA ASP A 62 -8.27 -21.09 16.24
C ASP A 62 -9.70 -20.55 16.34
N LEU A 63 -10.00 -19.52 15.56
CA LEU A 63 -11.33 -18.93 15.56
C LEU A 63 -12.02 -19.23 14.23
N THR A 64 -13.27 -19.68 14.29
CA THR A 64 -14.02 -19.96 13.08
C THR A 64 -14.23 -18.60 12.42
N ARG A 65 -14.64 -18.59 11.17
CA ARG A 65 -14.85 -17.31 10.50
C ARG A 65 -15.93 -16.48 11.18
N GLU A 66 -16.94 -17.18 11.71
CA GLU A 66 -18.03 -16.52 12.40
C GLU A 66 -17.51 -15.85 13.68
N GLU A 67 -16.64 -16.55 14.40
CA GLU A 67 -16.06 -16.04 15.63
C GLU A 67 -15.11 -14.87 15.38
N ILE A 68 -14.49 -14.83 14.21
CA ILE A 68 -13.58 -13.72 13.92
C ILE A 68 -14.39 -12.46 13.71
N VAL A 69 -15.50 -12.58 12.99
CA VAL A 69 -16.37 -11.43 12.74
C VAL A 69 -17.06 -11.02 14.04
N GLU A 70 -17.38 -12.01 14.87
CA GLU A 70 -18.05 -11.77 16.14
C GLU A 70 -17.12 -10.96 17.05
N LEU A 71 -15.88 -11.42 17.15
CA LEU A 71 -14.86 -10.75 17.96
C LEU A 71 -14.58 -9.33 17.48
N MET A 72 -14.29 -9.16 16.19
CA MET A 72 -14.01 -7.83 15.68
C MET A 72 -15.17 -6.86 15.91
N ARG A 73 -16.38 -7.36 15.77
CA ARG A 73 -17.59 -6.55 15.98
C ARG A 73 -17.60 -6.06 17.44
N ASP A 74 -17.39 -6.98 18.37
CA ASP A 74 -17.37 -6.64 19.79
C ASP A 74 -16.28 -5.63 20.12
N VAL A 75 -15.09 -5.82 19.56
CA VAL A 75 -13.98 -4.91 19.81
C VAL A 75 -14.25 -3.51 19.28
N SER A 76 -14.86 -3.43 18.10
CA SER A 76 -15.16 -2.13 17.50
C SER A 76 -16.25 -1.39 18.28
N LYS A 77 -16.90 -2.07 19.21
CA LYS A 77 -17.97 -1.45 20.00
C LYS A 77 -17.53 -1.07 21.41
N GLU A 78 -16.29 -1.41 21.77
CA GLU A 78 -15.76 -1.06 23.07
C GLU A 78 -15.43 0.43 22.99
N ASP A 79 -15.09 1.02 24.14
CA ASP A 79 -14.76 2.43 24.18
C ASP A 79 -13.24 2.59 24.10
N HIS A 80 -12.76 3.16 23.00
CA HIS A 80 -11.33 3.38 22.80
C HIS A 80 -10.97 4.84 23.04
N SER A 81 -11.86 5.58 23.68
CA SER A 81 -11.61 6.99 23.93
C SER A 81 -10.27 7.29 24.62
N LYS A 82 -9.84 6.39 25.50
CA LYS A 82 -8.60 6.60 26.22
C LYS A 82 -7.42 5.83 25.65
N ARG A 83 -7.57 5.39 24.41
CA ARG A 83 -6.52 4.63 23.73
C ARG A 83 -6.00 5.42 22.54
N SER A 84 -4.71 5.31 22.27
CA SER A 84 -4.08 6.05 21.18
C SER A 84 -4.28 5.43 19.80
N SER A 85 -4.41 4.10 19.75
CA SER A 85 -4.54 3.39 18.48
C SER A 85 -5.16 2.02 18.64
N PHE A 86 -5.17 1.27 17.55
CA PHE A 86 -5.70 -0.10 17.54
C PHE A 86 -4.81 -0.95 16.64
N VAL A 87 -4.46 -2.14 17.11
CA VAL A 87 -3.64 -3.06 16.33
C VAL A 87 -4.34 -4.40 16.27
N CYS A 88 -4.35 -4.99 15.08
CA CYS A 88 -4.96 -6.29 14.87
C CYS A 88 -3.99 -7.09 13.99
N VAL A 89 -3.63 -8.29 14.44
CA VAL A 89 -2.74 -9.16 13.70
C VAL A 89 -3.53 -10.41 13.37
N LEU A 90 -3.53 -10.79 12.11
CA LEU A 90 -4.23 -11.98 11.65
C LEU A 90 -3.18 -12.92 11.09
N LEU A 91 -3.08 -14.11 11.68
CA LEU A 91 -2.12 -15.10 11.23
C LEU A 91 -2.96 -16.30 10.78
N SER A 92 -2.93 -16.58 9.48
CA SER A 92 -3.73 -17.67 8.97
C SER A 92 -3.52 -17.80 7.47
N HIS A 93 -4.22 -18.75 6.88
CA HIS A 93 -4.13 -18.96 5.44
C HIS A 93 -5.00 -17.88 4.80
N GLY A 94 -4.83 -17.63 3.51
CA GLY A 94 -5.64 -16.63 2.85
C GLY A 94 -5.47 -16.57 1.34
N GLU A 95 -6.18 -15.63 0.73
CA GLU A 95 -6.15 -15.39 -0.70
C GLU A 95 -6.30 -13.88 -0.83
N GLU A 96 -6.33 -13.36 -2.05
CA GLU A 96 -6.46 -11.91 -2.25
C GLU A 96 -7.69 -11.38 -1.56
N GLY A 97 -7.49 -10.43 -0.64
CA GLY A 97 -8.61 -9.85 0.08
C GLY A 97 -9.35 -10.81 0.98
N ILE A 98 -8.79 -12.00 1.17
CA ILE A 98 -9.46 -13.00 2.01
C ILE A 98 -8.59 -13.61 3.10
N ILE A 99 -9.14 -13.76 4.29
CA ILE A 99 -8.44 -14.37 5.43
C ILE A 99 -9.27 -15.59 5.86
N PHE A 100 -8.60 -16.69 6.23
CA PHE A 100 -9.31 -17.92 6.63
C PHE A 100 -9.53 -18.21 8.11
N GLY A 101 -10.77 -18.54 8.46
CA GLY A 101 -11.08 -18.92 9.82
C GLY A 101 -10.76 -20.40 9.79
N THR A 102 -10.86 -21.10 10.91
CA THR A 102 -10.56 -22.53 10.96
C THR A 102 -11.46 -23.36 10.04
N ASN A 103 -12.65 -22.84 9.76
CA ASN A 103 -13.64 -23.55 8.96
C ASN A 103 -13.96 -22.94 7.61
N GLY A 104 -13.57 -21.70 7.37
CA GLY A 104 -13.87 -21.10 6.09
C GLY A 104 -13.30 -19.72 5.90
N PRO A 105 -13.41 -19.18 4.68
CA PRO A 105 -12.91 -17.85 4.33
C PRO A 105 -13.79 -16.70 4.79
N VAL A 106 -13.17 -15.55 4.97
CA VAL A 106 -13.83 -14.32 5.38
C VAL A 106 -13.08 -13.20 4.69
N ASP A 107 -13.80 -12.32 4.01
CA ASP A 107 -13.13 -11.23 3.32
C ASP A 107 -12.59 -10.24 4.35
N LEU A 108 -11.38 -9.74 4.11
CA LEU A 108 -10.77 -8.79 5.01
C LEU A 108 -11.57 -7.50 5.10
N LYS A 109 -12.18 -7.11 4.00
CA LYS A 109 -12.98 -5.88 3.93
C LYS A 109 -14.10 -5.91 4.98
N LYS A 110 -14.69 -7.08 5.20
CA LYS A 110 -15.77 -7.21 6.18
C LYS A 110 -15.28 -6.95 7.62
N ILE A 111 -14.04 -7.34 7.89
CA ILE A 111 -13.46 -7.17 9.23
C ILE A 111 -13.01 -5.75 9.52
N THR A 112 -12.28 -5.15 8.60
CA THR A 112 -11.79 -3.81 8.78
C THR A 112 -12.91 -2.75 8.75
N ASN A 113 -14.01 -3.05 8.05
CA ASN A 113 -15.12 -2.11 7.98
C ASN A 113 -15.75 -1.81 9.33
N PHE A 114 -15.53 -2.67 10.32
CA PHE A 114 -16.08 -2.44 11.64
C PHE A 114 -15.36 -1.27 12.28
N PHE A 115 -14.16 -0.99 11.78
CA PHE A 115 -13.34 0.09 12.32
C PHE A 115 -13.33 1.36 11.48
N ARG A 116 -14.21 1.42 10.49
CA ARG A 116 -14.32 2.61 9.64
C ARG A 116 -14.61 3.81 10.53
N GLY A 117 -14.07 4.96 10.17
CA GLY A 117 -14.27 6.17 10.95
C GLY A 117 -15.69 6.47 11.42
N ASP A 118 -16.69 6.00 10.68
CA ASP A 118 -18.08 6.24 11.03
C ASP A 118 -18.76 5.16 11.87
N ARG A 119 -18.14 3.98 11.96
CA ARG A 119 -18.70 2.87 12.74
C ARG A 119 -18.01 2.62 14.07
N CYS A 120 -16.88 3.29 14.29
CA CYS A 120 -16.14 3.16 15.53
C CYS A 120 -15.68 4.57 15.90
N ARG A 121 -16.61 5.37 16.42
CA ARG A 121 -16.35 6.76 16.77
C ARG A 121 -15.21 6.99 17.76
N SER A 122 -14.95 6.04 18.65
CA SER A 122 -13.87 6.21 19.61
C SER A 122 -12.48 5.99 18.99
N LEU A 123 -12.44 5.63 17.72
CA LEU A 123 -11.15 5.43 17.05
C LEU A 123 -10.95 6.40 15.88
N THR A 124 -11.98 7.17 15.57
CA THR A 124 -11.89 8.14 14.48
C THR A 124 -10.65 9.02 14.66
N GLY A 125 -9.88 9.20 13.59
CA GLY A 125 -8.68 10.02 13.69
C GLY A 125 -7.55 9.31 14.41
N LYS A 126 -7.74 8.04 14.72
CA LYS A 126 -6.71 7.28 15.40
C LYS A 126 -6.19 6.18 14.49
N PRO A 127 -4.87 5.98 14.48
CA PRO A 127 -4.28 4.95 13.64
C PRO A 127 -4.78 3.55 13.93
N LYS A 128 -5.16 2.84 12.88
CA LYS A 128 -5.65 1.47 13.02
C LYS A 128 -4.70 0.60 12.17
N LEU A 129 -3.90 -0.22 12.83
CA LEU A 129 -2.95 -1.07 12.14
C LEU A 129 -3.46 -2.49 12.00
N PHE A 130 -3.37 -3.02 10.78
CA PHE A 130 -3.77 -4.39 10.54
C PHE A 130 -2.55 -5.10 9.97
N ILE A 131 -2.04 -6.07 10.71
CA ILE A 131 -0.87 -6.80 10.24
C ILE A 131 -1.42 -8.13 9.74
N ILE A 132 -1.23 -8.41 8.46
CA ILE A 132 -1.76 -9.65 7.89
C ILE A 132 -0.73 -10.63 7.36
N GLN A 133 -0.60 -11.76 8.06
CA GLN A 133 0.30 -12.82 7.63
C GLN A 133 -0.64 -13.88 7.03
N ALA A 134 -0.57 -13.99 5.71
CA ALA A 134 -1.42 -14.91 4.96
C ALA A 134 -1.14 -14.76 3.49
N CYS A 135 -1.38 -15.82 2.73
CA CYS A 135 -1.14 -15.80 1.30
C CYS A 135 -2.14 -14.85 0.63
N ARG A 136 -1.78 -14.31 -0.53
CA ARG A 136 -2.67 -13.41 -1.26
C ARG A 136 -2.77 -13.91 -2.69
N GLY A 137 -2.67 -15.22 -2.84
CA GLY A 137 -2.72 -15.86 -4.15
C GLY A 137 -1.73 -17.00 -4.21
N THR A 138 -1.48 -17.47 -5.42
CA THR A 138 -0.56 -18.60 -5.61
C THR A 138 0.64 -18.34 -6.53
N GLU A 139 0.99 -17.09 -6.76
CA GLU A 139 2.15 -16.80 -7.61
C GLU A 139 3.44 -16.97 -6.82
N LEU A 140 4.49 -17.38 -7.52
CA LEU A 140 5.79 -17.58 -6.89
C LEU A 140 6.79 -16.57 -7.40
N ASP A 141 7.56 -15.98 -6.49
CA ASP A 141 8.57 -15.00 -6.87
C ASP A 141 9.88 -15.78 -6.93
N CYS A 142 10.46 -15.86 -8.13
CA CYS A 142 11.72 -16.59 -8.30
C CYS A 142 12.94 -15.72 -8.02
N GLY A 143 12.72 -14.42 -7.94
CA GLY A 143 13.83 -13.53 -7.68
C GLY A 143 14.78 -13.34 -8.85
N ILE A 144 15.71 -12.41 -8.68
CA ILE A 144 16.70 -12.09 -9.71
C ILE A 144 18.01 -11.81 -9.00
N GLU A 145 19.13 -12.06 -9.67
CA GLU A 145 20.44 -11.86 -9.05
C GLU A 145 21.00 -10.45 -9.29
N THR A 146 22.03 -10.09 -8.53
CA THR A 146 22.66 -8.78 -8.67
C THR A 146 24.17 -8.86 -8.46
N LYS B 3 -14.60 17.39 8.35
CA LYS B 3 -14.75 15.93 8.31
C LYS B 3 -13.59 15.25 7.56
N ILE B 4 -13.45 13.94 7.76
CA ILE B 4 -12.39 13.18 7.09
C ILE B 4 -12.94 11.89 6.48
N PRO B 5 -12.22 11.28 5.52
CA PRO B 5 -12.70 10.04 4.90
C PRO B 5 -12.84 8.92 5.94
N VAL B 6 -13.83 8.06 5.79
CA VAL B 6 -14.04 6.96 6.74
C VAL B 6 -12.97 5.89 6.59
N GLU B 7 -12.26 5.92 5.46
CA GLU B 7 -11.20 4.95 5.21
C GLU B 7 -9.83 5.55 5.57
N ALA B 8 -9.81 6.72 6.18
CA ALA B 8 -8.56 7.34 6.55
C ALA B 8 -8.03 6.77 7.87
N ASP B 9 -6.72 6.84 8.04
CA ASP B 9 -6.06 6.38 9.25
C ASP B 9 -5.94 4.86 9.40
N PHE B 10 -5.93 4.19 8.26
CA PHE B 10 -5.78 2.74 8.20
C PHE B 10 -4.43 2.40 7.62
N LEU B 11 -3.80 1.39 8.17
CA LEU B 11 -2.51 0.93 7.69
C LEU B 11 -2.60 -0.57 7.57
N TYR B 12 -2.31 -1.09 6.39
CA TYR B 12 -2.35 -2.54 6.22
C TYR B 12 -0.94 -3.05 5.94
N ALA B 13 -0.37 -3.77 6.90
CA ALA B 13 0.95 -4.33 6.72
C ALA B 13 0.77 -5.75 6.22
N TYR B 14 0.90 -5.93 4.90
CA TYR B 14 0.76 -7.25 4.28
C TYR B 14 2.10 -7.94 4.20
N SER B 15 2.13 -9.20 4.61
CA SER B 15 3.36 -10.00 4.59
C SER B 15 3.91 -10.19 3.17
N THR B 16 3.05 -10.13 2.17
CA THR B 16 3.50 -10.38 0.81
C THR B 16 2.81 -9.51 -0.23
N ALA B 17 3.28 -9.61 -1.47
CA ALA B 17 2.73 -8.83 -2.56
C ALA B 17 1.40 -9.40 -3.03
N PRO B 18 0.52 -8.52 -3.54
CA PRO B 18 -0.79 -8.96 -4.02
C PRO B 18 -0.65 -10.07 -5.05
N GLY B 19 -1.38 -11.17 -4.85
CA GLY B 19 -1.35 -12.28 -5.78
C GLY B 19 -0.31 -13.34 -5.47
N TYR B 20 0.58 -13.07 -4.51
CA TYR B 20 1.63 -14.01 -4.17
C TYR B 20 1.46 -14.84 -2.90
N TYR B 21 2.29 -15.88 -2.79
CA TYR B 21 2.31 -16.77 -1.64
C TYR B 21 3.06 -16.04 -0.52
N SER B 22 2.76 -16.38 0.73
CA SER B 22 3.48 -15.80 1.84
C SER B 22 4.22 -16.99 2.43
N TRP B 23 5.45 -16.79 2.88
CA TRP B 23 6.21 -17.90 3.42
C TRP B 23 6.32 -17.98 4.94
N ARG B 24 6.42 -19.20 5.42
CA ARG B 24 6.53 -19.46 6.84
C ARG B 24 7.53 -20.59 7.07
N ASN B 25 8.41 -20.39 8.06
CA ASN B 25 9.39 -21.42 8.37
C ASN B 25 8.72 -22.32 9.41
N SER B 26 8.69 -23.62 9.09
CA SER B 26 8.05 -24.60 9.96
C SER B 26 8.55 -24.64 11.40
N LYS B 27 9.63 -23.92 11.68
CA LYS B 27 10.21 -23.89 13.02
C LYS B 27 10.26 -22.49 13.64
N ASP B 28 10.75 -21.52 12.89
CA ASP B 28 10.87 -20.14 13.39
C ASP B 28 9.68 -19.25 13.10
N GLY B 29 8.74 -19.73 12.28
CA GLY B 29 7.56 -18.93 11.99
C GLY B 29 7.66 -18.16 10.67
N SER B 30 6.66 -17.32 10.41
CA SER B 30 6.62 -16.56 9.18
C SER B 30 7.74 -15.55 9.08
N TRP B 31 8.35 -15.50 7.90
CA TRP B 31 9.44 -14.59 7.61
C TRP B 31 9.06 -13.17 7.99
N PHE B 32 7.83 -12.79 7.67
CA PHE B 32 7.35 -11.42 7.94
C PHE B 32 7.26 -11.11 9.43
N ILE B 33 6.59 -11.97 10.17
CA ILE B 33 6.46 -11.73 11.60
C ILE B 33 7.82 -11.70 12.29
N GLN B 34 8.72 -12.62 11.94
CA GLN B 34 10.06 -12.62 12.53
C GLN B 34 10.72 -11.28 12.29
N SER B 35 10.74 -10.86 11.03
CA SER B 35 11.35 -9.59 10.67
C SER B 35 10.71 -8.43 11.40
N LEU B 36 9.38 -8.41 11.37
CA LEU B 36 8.62 -7.33 12.00
C LEU B 36 9.00 -7.19 13.49
N CYS B 37 9.07 -8.31 14.19
CA CYS B 37 9.39 -8.27 15.60
C CYS B 37 10.82 -7.85 15.89
N ALA B 38 11.76 -8.32 15.08
CA ALA B 38 13.15 -7.95 15.27
C ALA B 38 13.30 -6.45 15.03
N MET B 39 12.75 -5.97 13.92
CA MET B 39 12.83 -4.57 13.57
C MET B 39 12.13 -3.65 14.59
N LEU B 40 10.99 -4.07 15.13
CA LEU B 40 10.28 -3.27 16.13
C LEU B 40 11.09 -3.17 17.41
N LYS B 41 11.56 -4.32 17.88
CA LYS B 41 12.36 -4.40 19.09
C LYS B 41 13.62 -3.54 18.97
N GLN B 42 14.14 -3.46 17.75
CA GLN B 42 15.35 -2.71 17.51
C GLN B 42 15.17 -1.23 17.22
N TYR B 43 14.06 -0.86 16.58
CA TYR B 43 13.82 0.52 16.20
C TYR B 43 12.55 1.21 16.67
N ALA B 44 11.67 0.50 17.39
CA ALA B 44 10.43 1.14 17.83
C ALA B 44 10.68 2.34 18.72
N ASP B 45 11.86 2.41 19.34
CA ASP B 45 12.15 3.52 20.24
C ASP B 45 12.75 4.76 19.57
N LYS B 46 12.69 4.82 18.25
CA LYS B 46 13.22 5.99 17.55
C LYS B 46 12.85 6.15 16.08
N LEU B 47 12.47 5.08 15.41
CA LEU B 47 12.09 5.19 14.01
C LEU B 47 10.57 5.26 13.86
N GLU B 48 10.13 6.01 12.86
CA GLU B 48 8.71 6.16 12.56
C GLU B 48 8.26 4.80 11.99
N PHE B 49 6.99 4.44 12.15
CA PHE B 49 6.53 3.14 11.69
C PHE B 49 6.79 2.81 10.22
N MET B 50 6.43 3.71 9.31
CA MET B 50 6.67 3.49 7.88
C MET B 50 8.13 3.12 7.60
N HIS B 51 9.06 3.81 8.26
CA HIS B 51 10.48 3.53 8.07
C HIS B 51 10.86 2.18 8.67
N ILE B 52 10.13 1.78 9.70
CA ILE B 52 10.39 0.49 10.29
C ILE B 52 9.88 -0.58 9.34
N LEU B 53 8.69 -0.40 8.76
CA LEU B 53 8.17 -1.41 7.83
C LEU B 53 9.03 -1.50 6.58
N THR B 54 9.72 -0.41 6.23
CA THR B 54 10.60 -0.43 5.06
C THR B 54 11.80 -1.36 5.36
N ARG B 55 12.26 -1.34 6.61
CA ARG B 55 13.38 -2.19 7.02
C ARG B 55 12.96 -3.64 7.07
N VAL B 56 11.68 -3.85 7.38
CA VAL B 56 11.14 -5.18 7.42
C VAL B 56 11.09 -5.65 5.97
N ASN B 57 10.74 -4.74 5.08
CA ASN B 57 10.69 -5.06 3.65
C ASN B 57 12.07 -5.55 3.20
N ARG B 58 13.12 -4.78 3.48
CA ARG B 58 14.49 -5.13 3.11
C ARG B 58 14.98 -6.44 3.73
N LYS B 59 14.69 -6.65 5.00
CA LYS B 59 15.12 -7.87 5.67
C LYS B 59 14.46 -9.08 5.03
N VAL B 60 13.14 -9.06 4.88
CA VAL B 60 12.46 -10.19 4.27
C VAL B 60 12.93 -10.45 2.84
N ALA B 61 13.07 -9.40 2.05
CA ALA B 61 13.49 -9.54 0.66
C ALA B 61 14.94 -10.01 0.47
N THR B 62 15.82 -9.63 1.39
CA THR B 62 17.22 -10.00 1.25
C THR B 62 17.76 -11.18 2.05
N GLU B 63 17.22 -11.40 3.25
CA GLU B 63 17.71 -12.47 4.10
C GLU B 63 16.95 -13.79 4.13
N PHE B 64 15.91 -13.88 3.32
CA PHE B 64 15.08 -15.08 3.28
C PHE B 64 14.97 -15.65 1.86
N GLU B 65 15.04 -16.98 1.76
CA GLU B 65 14.92 -17.68 0.49
C GLU B 65 14.34 -19.02 0.89
N SER B 66 13.32 -19.48 0.19
CA SER B 66 12.72 -20.74 0.59
C SER B 66 13.57 -21.95 0.34
N PHE B 67 13.45 -22.89 1.26
CA PHE B 67 14.14 -24.15 1.16
C PHE B 67 13.01 -25.18 1.25
N SER B 68 12.81 -25.94 0.19
CA SER B 68 11.75 -26.94 0.17
C SER B 68 12.22 -28.21 -0.51
N PHE B 69 11.67 -29.36 -0.10
CA PHE B 69 12.06 -30.61 -0.74
C PHE B 69 11.37 -30.69 -2.08
N ASP B 70 10.35 -29.85 -2.26
CA ASP B 70 9.58 -29.79 -3.49
C ASP B 70 10.18 -28.73 -4.41
N ALA B 71 10.90 -29.15 -5.44
CA ALA B 71 11.52 -28.21 -6.36
C ALA B 71 10.60 -27.03 -6.73
N THR B 72 9.31 -27.29 -6.85
CA THR B 72 8.34 -26.24 -7.21
C THR B 72 8.36 -25.07 -6.23
N PHE B 73 8.43 -25.37 -4.93
CA PHE B 73 8.42 -24.32 -3.92
C PHE B 73 9.79 -23.96 -3.34
N HIS B 74 10.85 -24.38 -4.01
CA HIS B 74 12.21 -24.15 -3.55
C HIS B 74 12.91 -22.91 -4.12
N ALA B 75 13.72 -22.25 -3.28
CA ALA B 75 14.48 -21.06 -3.69
C ALA B 75 13.61 -19.84 -4.05
N LYS B 76 12.41 -19.76 -3.46
CA LYS B 76 11.52 -18.66 -3.78
C LYS B 76 11.68 -17.45 -2.85
N LYS B 77 11.38 -16.27 -3.38
CA LYS B 77 11.54 -15.05 -2.59
C LYS B 77 10.21 -14.42 -2.18
N GLN B 78 10.31 -13.39 -1.36
CA GLN B 78 9.15 -12.68 -0.87
C GLN B 78 9.46 -11.23 -0.53
N ILE B 79 8.49 -10.37 -0.79
CA ILE B 79 8.58 -8.95 -0.48
C ILE B 79 7.26 -8.54 0.17
N PRO B 80 7.32 -7.93 1.37
CA PRO B 80 6.08 -7.51 2.04
C PRO B 80 5.43 -6.36 1.28
N CYS B 81 4.22 -5.98 1.68
CA CYS B 81 3.49 -4.92 1.01
C CYS B 81 2.78 -3.97 1.97
N ILE B 82 3.32 -2.76 2.09
CA ILE B 82 2.76 -1.73 2.97
C ILE B 82 1.67 -0.91 2.28
N VAL B 83 0.46 -0.95 2.81
CA VAL B 83 -0.65 -0.18 2.25
C VAL B 83 -1.06 0.83 3.30
N SER B 84 -0.71 2.09 3.07
CA SER B 84 -1.00 3.14 4.02
C SER B 84 -2.02 4.19 3.63
N MET B 85 -3.00 4.36 4.52
CA MET B 85 -4.04 5.35 4.39
C MET B 85 -3.89 6.28 5.57
N LEU B 86 -2.70 6.33 6.13
CA LEU B 86 -2.44 7.18 7.28
C LEU B 86 -2.29 8.63 6.82
N THR B 87 -2.68 9.55 7.70
CA THR B 87 -2.62 10.97 7.40
C THR B 87 -1.51 11.67 8.19
N LYS B 88 -0.88 10.92 9.10
CA LYS B 88 0.19 11.48 9.93
C LYS B 88 1.26 10.43 10.15
N GLU B 89 2.34 10.84 10.82
CA GLU B 89 3.43 9.94 11.11
C GLU B 89 3.08 9.17 12.39
N LEU B 90 3.56 7.93 12.46
CA LEU B 90 3.27 7.05 13.57
C LEU B 90 4.52 6.66 14.36
N TYR B 91 4.59 7.12 15.60
CA TYR B 91 5.70 6.83 16.49
C TYR B 91 5.19 6.08 17.70
N PHE B 92 5.92 5.06 18.13
CA PHE B 92 5.51 4.31 19.30
C PHE B 92 6.09 4.88 20.60
N TYR B 93 6.94 5.90 20.49
CA TYR B 93 7.52 6.49 21.69
C TYR B 93 6.81 7.81 22.06
N HIS B 94 7.23 8.42 23.16
CA HIS B 94 6.60 9.66 23.63
C HIS B 94 7.49 10.89 23.66
N HIS B 95 6.87 12.04 23.43
CA HIS B 95 7.53 13.35 23.41
C HIS B 95 9.06 13.28 23.37
N ASP C 6 23.32 0.26 4.01
CA ASP C 6 22.66 1.46 3.52
C ASP C 6 21.13 1.41 3.62
N ASN C 7 20.59 2.43 4.28
CA ASN C 7 19.16 2.57 4.49
C ASN C 7 18.50 3.44 3.40
N SER C 8 19.30 4.01 2.51
CA SER C 8 18.77 4.86 1.45
C SER C 8 19.18 4.44 0.05
N TYR C 9 18.28 4.65 -0.90
CA TYR C 9 18.55 4.32 -2.28
C TYR C 9 19.63 5.26 -2.79
N LYS C 10 20.53 4.74 -3.62
CA LYS C 10 21.59 5.56 -4.18
C LYS C 10 20.91 6.43 -5.24
N MET C 11 20.90 7.74 -5.00
CA MET C 11 20.28 8.67 -5.94
C MET C 11 21.33 9.60 -6.55
N ASP C 12 22.61 9.22 -6.45
CA ASP C 12 23.70 10.01 -6.99
C ASP C 12 24.26 9.48 -8.31
N TYR C 13 23.38 9.08 -9.21
CA TYR C 13 23.78 8.60 -10.52
C TYR C 13 23.81 9.82 -11.42
N PRO C 14 24.39 9.69 -12.64
CA PRO C 14 24.45 10.83 -13.56
C PRO C 14 23.07 11.47 -13.76
N GLU C 15 22.04 10.63 -13.83
CA GLU C 15 20.67 11.09 -14.04
C GLU C 15 19.72 10.55 -12.97
N MET C 16 18.69 11.34 -12.64
CA MET C 16 17.70 10.91 -11.66
C MET C 16 16.86 9.82 -12.32
N GLY C 17 16.64 9.98 -13.62
CA GLY C 17 15.87 9.00 -14.37
C GLY C 17 14.76 9.64 -15.17
N LEU C 18 13.94 8.81 -15.79
CA LEU C 18 12.82 9.28 -16.59
C LEU C 18 11.57 9.51 -15.77
N CYS C 19 10.67 10.33 -16.29
CA CYS C 19 9.39 10.59 -15.66
C CYS C 19 8.32 10.64 -16.76
N ILE C 20 7.84 9.48 -17.15
CA ILE C 20 6.82 9.37 -18.18
C ILE C 20 5.46 9.73 -17.64
N ILE C 21 4.85 10.74 -18.25
CA ILE C 21 3.51 11.20 -17.85
C ILE C 21 2.56 10.93 -19.00
N ILE C 22 1.58 10.07 -18.78
CA ILE C 22 0.60 9.75 -19.81
C ILE C 22 -0.75 10.36 -19.43
N ASN C 23 -1.09 11.43 -20.14
CA ASN C 23 -2.32 12.15 -19.89
C ASN C 23 -3.38 11.90 -20.96
N ASN C 24 -4.43 11.17 -20.61
CA ASN C 24 -5.53 10.88 -21.54
C ASN C 24 -6.72 11.76 -21.20
N LYS C 25 -7.06 12.70 -22.08
CA LYS C 25 -8.19 13.60 -21.82
C LYS C 25 -9.46 13.22 -22.58
N ASN C 26 -9.29 12.86 -23.84
CA ASN C 26 -10.41 12.51 -24.72
C ASN C 26 -10.52 11.02 -24.99
N PHE C 27 -11.73 10.49 -24.90
CA PHE C 27 -11.96 9.06 -25.13
C PHE C 27 -12.91 8.73 -26.27
N HIS C 28 -12.73 7.55 -26.84
CA HIS C 28 -13.55 7.06 -27.95
C HIS C 28 -15.00 6.94 -27.50
N LYS C 29 -15.92 7.30 -28.39
CA LYS C 29 -17.35 7.25 -28.11
C LYS C 29 -17.75 5.87 -27.59
N SER C 30 -17.02 4.85 -28.03
CA SER C 30 -17.29 3.47 -27.63
C SER C 30 -17.17 3.29 -26.12
N THR C 31 -16.21 3.96 -25.50
CA THR C 31 -16.00 3.86 -24.07
C THR C 31 -17.15 4.48 -23.29
N GLY C 32 -17.54 5.69 -23.68
CA GLY C 32 -18.63 6.35 -22.99
C GLY C 32 -18.19 7.42 -22.00
N MET C 33 -16.97 7.30 -21.48
CA MET C 33 -16.48 8.28 -20.51
C MET C 33 -16.38 9.67 -21.10
N THR C 34 -16.75 10.66 -20.31
CA THR C 34 -16.70 12.05 -20.74
C THR C 34 -15.25 12.50 -20.74
N SER C 35 -14.99 13.63 -21.39
CA SER C 35 -13.64 14.17 -21.45
C SER C 35 -13.19 14.49 -20.01
N ARG C 36 -11.88 14.52 -19.77
CA ARG C 36 -11.37 14.82 -18.43
C ARG C 36 -10.80 16.23 -18.32
N SER C 37 -11.68 17.23 -18.25
CA SER C 37 -11.27 18.61 -18.15
C SER C 37 -10.47 18.90 -16.89
N GLY C 38 -9.38 19.63 -17.06
CA GLY C 38 -8.53 19.97 -15.92
C GLY C 38 -7.35 19.03 -15.84
N THR C 39 -7.37 17.96 -16.61
CA THR C 39 -6.28 16.99 -16.59
C THR C 39 -5.00 17.56 -17.18
N ASP C 40 -5.14 18.56 -18.06
CA ASP C 40 -3.97 19.19 -18.68
C ASP C 40 -3.25 20.03 -17.63
N VAL C 41 -4.01 20.57 -16.69
CA VAL C 41 -3.44 21.36 -15.62
C VAL C 41 -2.57 20.46 -14.76
N ASP C 42 -3.00 19.21 -14.61
CA ASP C 42 -2.27 18.24 -13.84
C ASP C 42 -0.99 17.82 -14.57
N ALA C 43 -1.12 17.38 -15.82
CA ALA C 43 0.04 16.96 -16.57
C ALA C 43 1.10 18.05 -16.57
N ALA C 44 0.65 19.29 -16.69
CA ALA C 44 1.55 20.45 -16.72
C ALA C 44 2.21 20.69 -15.37
N ASN C 45 1.45 20.47 -14.31
CA ASN C 45 1.95 20.65 -12.95
C ASN C 45 3.03 19.60 -12.65
N LEU C 46 2.79 18.36 -13.06
CA LEU C 46 3.74 17.27 -12.84
C LEU C 46 5.04 17.52 -13.58
N ARG C 47 4.94 17.98 -14.82
CA ARG C 47 6.11 18.26 -15.63
C ARG C 47 7.03 19.24 -14.92
N GLU C 48 6.48 20.36 -14.47
CA GLU C 48 7.30 21.35 -13.78
C GLU C 48 7.92 20.83 -12.49
N THR C 49 7.15 20.05 -11.74
CA THR C 49 7.61 19.48 -10.47
C THR C 49 8.76 18.50 -10.67
N PHE C 50 8.59 17.57 -11.59
CA PHE C 50 9.63 16.59 -11.84
C PHE C 50 10.86 17.19 -12.51
N ARG C 51 10.68 18.35 -13.14
CA ARG C 51 11.79 19.03 -13.78
C ARG C 51 12.72 19.58 -12.69
N ASN C 52 12.13 20.10 -11.61
CA ASN C 52 12.90 20.63 -10.50
C ASN C 52 13.64 19.52 -9.77
N LEU C 53 13.09 18.30 -9.79
CA LEU C 53 13.73 17.18 -9.12
C LEU C 53 14.77 16.54 -10.03
N LYS C 54 15.04 17.20 -11.15
CA LYS C 54 16.01 16.73 -12.13
C LYS C 54 15.65 15.46 -12.89
N TYR C 55 14.36 15.23 -13.09
CA TYR C 55 13.92 14.04 -13.84
C TYR C 55 13.75 14.45 -15.29
N GLU C 56 14.00 13.51 -16.21
CA GLU C 56 13.82 13.77 -17.64
C GLU C 56 12.35 13.49 -17.90
N VAL C 57 11.53 14.54 -17.94
CA VAL C 57 10.10 14.36 -18.16
C VAL C 57 9.70 14.17 -19.62
N ARG C 58 8.72 13.30 -19.86
CA ARG C 58 8.22 13.05 -21.20
C ARG C 58 6.70 12.96 -21.17
N ASN C 59 6.02 13.92 -21.78
CA ASN C 59 4.56 13.91 -21.80
C ASN C 59 4.03 13.16 -23.03
N LYS C 60 2.99 12.37 -22.82
CA LYS C 60 2.35 11.61 -23.90
C LYS C 60 0.86 11.85 -23.75
N ASN C 61 0.23 12.44 -24.75
CA ASN C 61 -1.20 12.71 -24.66
C ASN C 61 -2.03 11.77 -25.52
N ASP C 62 -3.24 11.49 -25.04
CA ASP C 62 -4.19 10.62 -25.73
C ASP C 62 -3.57 9.41 -26.39
N LEU C 63 -3.24 8.40 -25.59
CA LEU C 63 -2.65 7.17 -26.08
C LEU C 63 -3.70 6.07 -25.99
N THR C 64 -3.78 5.25 -27.04
CA THR C 64 -4.73 4.14 -27.06
C THR C 64 -4.18 3.05 -26.15
N ARG C 65 -5.03 2.07 -25.82
CA ARG C 65 -4.64 0.97 -24.96
C ARG C 65 -3.36 0.32 -25.49
N GLU C 66 -3.31 0.14 -26.80
CA GLU C 66 -2.16 -0.48 -27.45
C GLU C 66 -0.92 0.40 -27.41
N GLU C 67 -1.10 1.68 -27.73
CA GLU C 67 0.01 2.61 -27.72
C GLU C 67 0.62 2.73 -26.32
N ILE C 68 -0.19 2.45 -25.30
CA ILE C 68 0.31 2.53 -23.93
C ILE C 68 1.28 1.38 -23.68
N VAL C 69 0.87 0.17 -24.04
CA VAL C 69 1.73 -1.00 -23.86
C VAL C 69 3.03 -0.86 -24.66
N GLU C 70 2.92 -0.41 -25.91
CA GLU C 70 4.10 -0.26 -26.75
C GLU C 70 5.09 0.74 -26.14
N LEU C 71 4.57 1.85 -25.62
CA LEU C 71 5.41 2.86 -24.98
C LEU C 71 6.15 2.28 -23.78
N MET C 72 5.39 1.69 -22.86
CA MET C 72 5.96 1.10 -21.66
C MET C 72 7.01 0.04 -21.97
N ARG C 73 6.71 -0.84 -22.93
CA ARG C 73 7.63 -1.89 -23.31
C ARG C 73 8.91 -1.29 -23.90
N ASP C 74 8.78 -0.28 -24.74
CA ASP C 74 9.95 0.37 -25.32
C ASP C 74 10.80 1.05 -24.26
N VAL C 75 10.16 1.71 -23.31
CA VAL C 75 10.88 2.41 -22.23
C VAL C 75 11.59 1.41 -21.33
N SER C 76 10.95 0.29 -21.06
CA SER C 76 11.52 -0.74 -20.22
C SER C 76 12.73 -1.41 -20.89
N LYS C 77 12.72 -1.48 -22.22
CA LYS C 77 13.83 -2.10 -22.95
C LYS C 77 14.98 -1.12 -23.14
N GLU C 78 14.83 0.09 -22.60
CA GLU C 78 15.88 1.09 -22.70
C GLU C 78 16.92 0.81 -21.64
N ASP C 79 18.07 1.45 -21.75
CA ASP C 79 19.14 1.25 -20.79
C ASP C 79 19.07 2.33 -19.72
N HIS C 80 18.84 1.93 -18.48
CA HIS C 80 18.74 2.86 -17.37
C HIS C 80 19.98 2.79 -16.46
N SER C 81 21.02 2.11 -16.93
CA SER C 81 22.25 1.95 -16.15
C SER C 81 22.77 3.22 -15.48
N LYS C 82 22.46 4.37 -16.07
CA LYS C 82 22.94 5.63 -15.52
C LYS C 82 21.88 6.46 -14.81
N ARG C 83 20.70 5.86 -14.60
CA ARG C 83 19.60 6.55 -13.93
C ARG C 83 19.35 6.01 -12.52
N SER C 84 19.05 6.92 -11.59
CA SER C 84 18.80 6.55 -10.20
C SER C 84 17.48 5.83 -9.99
N SER C 85 16.47 6.20 -10.77
CA SER C 85 15.15 5.64 -10.60
C SER C 85 14.27 5.73 -11.84
N PHE C 86 12.98 5.53 -11.62
CA PHE C 86 12.01 5.59 -12.70
C PHE C 86 10.65 6.01 -12.15
N VAL C 87 10.05 6.99 -12.79
CA VAL C 87 8.74 7.48 -12.38
C VAL C 87 7.78 7.35 -13.55
N CYS C 88 6.55 6.93 -13.29
CA CYS C 88 5.55 6.80 -14.33
C CYS C 88 4.22 7.30 -13.78
N VAL C 89 3.67 8.32 -14.41
CA VAL C 89 2.42 8.89 -13.99
C VAL C 89 1.34 8.57 -14.99
N LEU C 90 0.19 8.12 -14.49
CA LEU C 90 -0.94 7.79 -15.34
C LEU C 90 -2.13 8.61 -14.90
N LEU C 91 -2.61 9.46 -15.80
CA LEU C 91 -3.75 10.30 -15.54
C LEU C 91 -4.80 9.83 -16.54
N SER C 92 -5.87 9.22 -16.05
CA SER C 92 -6.91 8.71 -16.92
C SER C 92 -8.06 8.13 -16.12
N HIS C 93 -9.07 7.63 -16.83
CA HIS C 93 -10.20 7.00 -16.16
C HIS C 93 -9.71 5.59 -15.84
N GLY C 94 -10.43 4.89 -14.99
CA GLY C 94 -10.03 3.54 -14.65
C GLY C 94 -10.95 2.83 -13.68
N GLU C 95 -10.66 1.55 -13.46
CA GLU C 95 -11.41 0.71 -12.54
C GLU C 95 -10.33 0.05 -11.68
N GLU C 96 -10.73 -0.82 -10.77
CA GLU C 96 -9.75 -1.49 -9.93
C GLU C 96 -8.73 -2.25 -10.76
N GLY C 97 -7.46 -1.89 -10.61
CA GLY C 97 -6.38 -2.54 -11.33
C GLY C 97 -6.38 -2.24 -12.82
N ILE C 98 -7.28 -1.37 -13.24
CA ILE C 98 -7.39 -1.03 -14.67
C ILE C 98 -7.19 0.45 -14.96
N ILE C 99 -6.50 0.72 -16.06
CA ILE C 99 -6.23 2.07 -16.52
C ILE C 99 -6.81 2.15 -17.94
N PHE C 100 -7.48 3.24 -18.25
CA PHE C 100 -8.11 3.39 -19.58
C PHE C 100 -7.31 4.10 -20.65
N GLY C 101 -7.14 3.43 -21.77
CA GLY C 101 -6.43 4.03 -22.89
C GLY C 101 -7.53 4.82 -23.59
N THR C 102 -7.19 5.61 -24.61
CA THR C 102 -8.22 6.38 -25.29
C THR C 102 -9.27 5.51 -25.98
N ASN C 103 -8.96 4.24 -26.21
CA ASN C 103 -9.90 3.35 -26.90
C ASN C 103 -10.44 2.19 -26.06
N GLY C 104 -9.76 1.85 -24.97
CA GLY C 104 -10.24 0.75 -24.15
C GLY C 104 -9.48 0.47 -22.87
N PRO C 105 -9.94 -0.53 -22.09
CA PRO C 105 -9.32 -0.93 -20.81
C PRO C 105 -7.94 -1.60 -20.96
N VAL C 106 -7.09 -1.36 -19.98
CA VAL C 106 -5.73 -1.93 -19.94
C VAL C 106 -5.36 -2.24 -18.49
N ASP C 107 -5.03 -3.50 -18.21
CA ASP C 107 -4.65 -3.89 -16.86
C ASP C 107 -3.37 -3.20 -16.40
N LEU C 108 -3.34 -2.79 -15.15
CA LEU C 108 -2.16 -2.13 -14.59
C LEU C 108 -1.00 -3.09 -14.40
N LYS C 109 -1.30 -4.30 -13.96
CA LYS C 109 -0.27 -5.30 -13.73
C LYS C 109 0.56 -5.53 -14.99
N LYS C 110 -0.06 -5.33 -16.15
CA LYS C 110 0.61 -5.52 -17.43
C LYS C 110 1.70 -4.47 -17.69
N ILE C 111 1.43 -3.22 -17.30
CA ILE C 111 2.39 -2.15 -17.49
C ILE C 111 3.57 -2.29 -16.54
N THR C 112 3.26 -2.43 -15.25
CA THR C 112 4.30 -2.56 -14.24
C THR C 112 5.20 -3.78 -14.45
N ASN C 113 4.65 -4.85 -14.99
CA ASN C 113 5.44 -6.06 -15.24
C ASN C 113 6.65 -5.85 -16.16
N PHE C 114 6.55 -4.90 -17.09
CA PHE C 114 7.68 -4.65 -17.98
C PHE C 114 8.86 -4.16 -17.17
N PHE C 115 8.60 -3.70 -15.95
CA PHE C 115 9.65 -3.18 -15.10
C PHE C 115 10.07 -4.07 -13.93
N ARG C 116 9.61 -5.31 -13.92
CA ARG C 116 9.98 -6.21 -12.83
C ARG C 116 11.50 -6.46 -12.87
N GLY C 117 12.08 -6.66 -11.70
CA GLY C 117 13.52 -6.90 -11.61
C GLY C 117 14.10 -7.81 -12.67
N ASP C 118 13.33 -8.81 -13.09
CA ASP C 118 13.79 -9.78 -14.10
C ASP C 118 13.64 -9.33 -15.56
N ARG C 119 12.65 -8.49 -15.84
CA ARG C 119 12.41 -7.99 -17.20
C ARG C 119 13.12 -6.68 -17.52
N CYS C 120 13.68 -6.02 -16.51
CA CYS C 120 14.37 -4.76 -16.71
C CYS C 120 15.59 -4.70 -15.82
N ARG C 121 16.64 -5.39 -16.24
CA ARG C 121 17.89 -5.47 -15.49
C ARG C 121 18.52 -4.12 -15.10
N SER C 122 18.46 -3.14 -15.99
CA SER C 122 19.08 -1.86 -15.66
C SER C 122 18.32 -1.03 -14.61
N LEU C 123 17.24 -1.59 -14.06
CA LEU C 123 16.48 -0.90 -13.02
C LEU C 123 16.35 -1.76 -11.77
N THR C 124 16.98 -2.92 -11.79
CA THR C 124 16.96 -3.82 -10.65
C THR C 124 17.58 -3.13 -9.44
N GLY C 125 16.90 -3.18 -8.30
CA GLY C 125 17.41 -2.55 -7.11
C GLY C 125 17.20 -1.05 -7.07
N LYS C 126 16.56 -0.51 -8.09
CA LYS C 126 16.30 0.93 -8.13
C LYS C 126 14.81 1.21 -7.94
N PRO C 127 14.47 2.37 -7.36
CA PRO C 127 13.08 2.76 -7.12
C PRO C 127 12.25 2.97 -8.38
N LYS C 128 11.15 2.23 -8.50
CA LYS C 128 10.27 2.40 -9.65
C LYS C 128 8.91 2.90 -9.14
N LEU C 129 8.63 4.19 -9.32
CA LEU C 129 7.39 4.79 -8.83
C LEU C 129 6.28 4.96 -9.86
N PHE C 130 5.07 4.52 -9.51
CA PHE C 130 3.92 4.66 -10.38
C PHE C 130 2.86 5.48 -9.66
N ILE C 131 2.60 6.68 -10.15
CA ILE C 131 1.59 7.55 -9.57
C ILE C 131 0.39 7.35 -10.48
N ILE C 132 -0.72 6.86 -9.92
CA ILE C 132 -1.91 6.60 -10.72
C ILE C 132 -3.11 7.43 -10.28
N GLN C 133 -3.49 8.36 -11.12
CA GLN C 133 -4.66 9.17 -10.85
C GLN C 133 -5.74 8.56 -11.73
N ALA C 134 -6.71 7.94 -11.09
CA ALA C 134 -7.82 7.28 -11.78
C ALA C 134 -8.72 6.66 -10.72
N CYS C 135 -9.96 6.37 -11.10
CA CYS C 135 -10.89 5.76 -10.16
C CYS C 135 -10.48 4.31 -9.98
N ARG C 136 -10.98 3.69 -8.92
CA ARG C 136 -10.66 2.28 -8.63
C ARG C 136 -11.93 1.57 -8.22
N GLY C 137 -13.06 2.09 -8.69
CA GLY C 137 -14.35 1.53 -8.35
C GLY C 137 -15.40 2.63 -8.35
N THR C 138 -16.62 2.30 -7.95
CA THR C 138 -17.69 3.29 -7.93
C THR C 138 -18.25 3.56 -6.53
N GLU C 139 -17.39 3.37 -5.52
CA GLU C 139 -17.78 3.60 -4.15
C GLU C 139 -17.57 5.08 -3.80
N LEU C 140 -18.45 5.62 -2.97
CA LEU C 140 -18.39 7.03 -2.55
C LEU C 140 -18.08 7.11 -1.06
N ASP C 141 -17.13 7.97 -0.70
CA ASP C 141 -16.73 8.17 0.70
C ASP C 141 -17.45 9.42 1.22
N CYS C 142 -18.41 9.23 2.12
CA CYS C 142 -19.16 10.34 2.68
C CYS C 142 -18.42 11.09 3.79
N GLY C 143 -17.45 10.43 4.41
CA GLY C 143 -16.72 11.07 5.48
C GLY C 143 -17.43 11.02 6.82
N ILE C 144 -16.80 11.60 7.83
CA ILE C 144 -17.35 11.63 9.18
C ILE C 144 -16.83 12.88 9.90
N GLU C 145 -17.66 13.43 10.78
CA GLU C 145 -17.29 14.64 11.53
C GLU C 145 -16.25 14.36 12.60
N THR C 146 -15.19 15.15 12.61
CA THR C 146 -14.12 15.00 13.60
C THR C 146 -14.52 15.62 14.93
N LYS D 3 20.31 -12.38 -4.37
CA LYS D 3 19.04 -12.45 -5.08
C LYS D 3 17.93 -11.66 -4.36
N ILE D 4 17.08 -10.99 -5.14
CA ILE D 4 15.97 -10.21 -4.56
C ILE D 4 14.66 -10.48 -5.27
N PRO D 5 13.53 -10.15 -4.62
CA PRO D 5 12.24 -10.38 -5.27
C PRO D 5 12.07 -9.52 -6.51
N VAL D 6 11.48 -10.09 -7.57
CA VAL D 6 11.27 -9.36 -8.81
C VAL D 6 10.21 -8.26 -8.62
N GLU D 7 9.41 -8.38 -7.58
CA GLU D 7 8.37 -7.38 -7.31
C GLU D 7 8.87 -6.33 -6.31
N ALA D 8 10.15 -6.39 -5.97
CA ALA D 8 10.70 -5.44 -5.02
C ALA D 8 11.03 -4.11 -5.68
N ASP D 9 11.18 -3.09 -4.84
CA ASP D 9 11.54 -1.75 -5.26
C ASP D 9 10.49 -1.00 -6.07
N PHE D 10 9.24 -1.40 -5.91
CA PHE D 10 8.12 -0.75 -6.58
C PHE D 10 7.32 0.05 -5.54
N LEU D 11 6.81 1.20 -5.96
CA LEU D 11 5.98 2.00 -5.09
C LEU D 11 4.77 2.44 -5.90
N TYR D 12 3.58 2.19 -5.39
CA TYR D 12 2.39 2.61 -6.11
C TYR D 12 1.65 3.66 -5.31
N ALA D 13 1.61 4.89 -5.81
CA ALA D 13 0.88 5.92 -5.11
C ALA D 13 -0.44 6.11 -5.85
N TYR D 14 -1.52 5.56 -5.27
CA TYR D 14 -2.85 5.65 -5.83
C TYR D 14 -3.54 6.89 -5.31
N SER D 15 -4.28 7.57 -6.19
CA SER D 15 -4.98 8.79 -5.83
C SER D 15 -6.13 8.51 -4.87
N THR D 16 -6.58 7.27 -4.83
CA THR D 16 -7.70 6.93 -3.99
C THR D 16 -7.67 5.49 -3.48
N ALA D 17 -8.49 5.21 -2.48
CA ALA D 17 -8.55 3.86 -1.89
C ALA D 17 -9.16 2.86 -2.84
N PRO D 18 -8.78 1.58 -2.71
CA PRO D 18 -9.32 0.54 -3.59
C PRO D 18 -10.85 0.55 -3.58
N GLY D 19 -11.45 0.42 -4.76
CA GLY D 19 -12.89 0.37 -4.88
C GLY D 19 -13.57 1.73 -4.87
N TYR D 20 -12.80 2.80 -4.70
CA TYR D 20 -13.40 4.12 -4.64
C TYR D 20 -13.17 5.04 -5.84
N TYR D 21 -14.03 6.04 -5.94
CA TYR D 21 -13.94 7.05 -6.99
C TYR D 21 -12.75 7.93 -6.65
N SER D 22 -12.17 8.55 -7.67
CA SER D 22 -11.06 9.48 -7.47
C SER D 22 -11.66 10.80 -7.89
N TRP D 23 -11.31 11.89 -7.23
CA TRP D 23 -11.91 13.16 -7.59
C TRP D 23 -11.03 14.15 -8.33
N ARG D 24 -11.65 14.87 -9.25
CA ARG D 24 -10.97 15.87 -10.05
C ARG D 24 -11.79 17.14 -10.16
N ASN D 25 -11.13 18.29 -10.10
CA ASN D 25 -11.78 19.59 -10.22
C ASN D 25 -11.63 20.05 -11.67
N SER D 26 -12.75 20.36 -12.30
CA SER D 26 -12.80 20.79 -13.69
C SER D 26 -11.77 21.82 -14.15
N LYS D 27 -11.37 22.73 -13.26
CA LYS D 27 -10.37 23.74 -13.63
C LYS D 27 -9.04 23.58 -12.90
N ASP D 28 -9.10 23.29 -11.60
CA ASP D 28 -7.88 23.13 -10.80
C ASP D 28 -7.19 21.80 -11.01
N GLY D 29 -7.95 20.79 -11.44
CA GLY D 29 -7.38 19.48 -11.67
C GLY D 29 -7.66 18.49 -10.56
N SER D 30 -7.13 17.28 -10.70
CA SER D 30 -7.33 16.21 -9.72
C SER D 30 -6.75 16.58 -8.35
N TRP D 31 -7.54 16.31 -7.32
CA TRP D 31 -7.13 16.63 -5.95
C TRP D 31 -5.76 16.02 -5.60
N PHE D 32 -5.53 14.79 -6.03
CA PHE D 32 -4.29 14.07 -5.74
C PHE D 32 -3.04 14.69 -6.34
N ILE D 33 -3.08 14.99 -7.63
CA ILE D 33 -1.93 15.57 -8.31
C ILE D 33 -1.63 16.96 -7.76
N GLN D 34 -2.69 17.69 -7.43
CA GLN D 34 -2.56 19.04 -6.87
C GLN D 34 -1.78 18.97 -5.58
N SER D 35 -2.24 18.11 -4.69
CA SER D 35 -1.59 17.94 -3.39
C SER D 35 -0.18 17.39 -3.58
N LEU D 36 -0.07 16.33 -4.36
CA LEU D 36 1.22 15.72 -4.63
C LEU D 36 2.27 16.72 -5.16
N CYS D 37 1.86 17.58 -6.09
CA CYS D 37 2.79 18.56 -6.63
C CYS D 37 3.13 19.63 -5.61
N ALA D 38 2.13 20.02 -4.83
CA ALA D 38 2.33 21.01 -3.80
C ALA D 38 3.27 20.48 -2.72
N MET D 39 2.99 19.28 -2.22
CA MET D 39 3.84 18.68 -1.20
C MET D 39 5.24 18.42 -1.74
N LEU D 40 5.35 18.00 -2.99
CA LEU D 40 6.66 17.75 -3.57
C LEU D 40 7.46 19.05 -3.64
N LYS D 41 6.82 20.12 -4.09
CA LYS D 41 7.47 21.44 -4.22
C LYS D 41 7.96 21.94 -2.87
N GLN D 42 7.22 21.61 -1.83
CA GLN D 42 7.54 22.08 -0.49
C GLN D 42 8.50 21.24 0.35
N TYR D 43 8.46 19.93 0.19
CA TYR D 43 9.29 19.05 1.02
C TYR D 43 10.29 18.11 0.35
N ALA D 44 10.40 18.14 -0.97
CA ALA D 44 11.32 17.23 -1.66
C ALA D 44 12.77 17.46 -1.23
N ASP D 45 13.07 18.67 -0.80
CA ASP D 45 14.41 19.00 -0.36
C ASP D 45 14.66 18.63 1.10
N LYS D 46 13.65 18.07 1.75
CA LYS D 46 13.79 17.71 3.16
C LYS D 46 13.34 16.30 3.59
N LEU D 47 12.04 16.03 3.47
CA LEU D 47 11.47 14.76 3.87
C LEU D 47 11.67 13.60 2.91
N GLU D 48 11.69 12.40 3.48
CA GLU D 48 11.83 11.18 2.71
C GLU D 48 10.51 11.04 1.94
N PHE D 49 10.51 10.32 0.82
CA PHE D 49 9.29 10.21 0.02
C PHE D 49 8.02 9.73 0.74
N MET D 50 8.11 8.65 1.52
CA MET D 50 6.97 8.12 2.26
C MET D 50 6.34 9.17 3.16
N HIS D 51 7.21 9.97 3.80
CA HIS D 51 6.72 11.01 4.67
C HIS D 51 6.06 12.12 3.85
N ILE D 52 6.56 12.35 2.65
CA ILE D 52 5.95 13.36 1.79
C ILE D 52 4.59 12.84 1.33
N LEU D 53 4.50 11.55 1.01
CA LEU D 53 3.23 10.98 0.56
C LEU D 53 2.21 10.95 1.69
N THR D 54 2.68 10.90 2.93
CA THR D 54 1.78 10.91 4.06
C THR D 54 1.12 12.30 4.16
N ARG D 55 1.90 13.33 3.83
CA ARG D 55 1.43 14.71 3.84
C ARG D 55 0.37 14.90 2.75
N VAL D 56 0.63 14.28 1.60
CA VAL D 56 -0.31 14.36 0.51
C VAL D 56 -1.61 13.73 1.01
N ASN D 57 -1.50 12.59 1.70
CA ASN D 57 -2.70 11.92 2.23
C ASN D 57 -3.53 12.84 3.11
N ARG D 58 -2.85 13.56 4.01
CA ARG D 58 -3.54 14.46 4.93
C ARG D 58 -4.13 15.68 4.23
N LYS D 59 -3.39 16.25 3.30
CA LYS D 59 -3.88 17.42 2.60
C LYS D 59 -5.12 17.03 1.81
N VAL D 60 -5.07 15.93 1.06
CA VAL D 60 -6.22 15.49 0.29
C VAL D 60 -7.43 15.18 1.19
N ALA D 61 -7.16 14.44 2.26
CA ALA D 61 -8.19 14.02 3.20
C ALA D 61 -8.86 15.14 3.99
N THR D 62 -8.12 16.20 4.26
CA THR D 62 -8.67 17.29 5.06
C THR D 62 -9.11 18.54 4.30
N GLU D 63 -8.37 18.89 3.25
CA GLU D 63 -8.67 20.11 2.50
C GLU D 63 -9.56 20.00 1.28
N PHE D 64 -10.02 18.80 0.97
CA PHE D 64 -10.87 18.62 -0.19
C PHE D 64 -12.21 18.01 0.15
N GLU D 65 -13.22 18.45 -0.58
CA GLU D 65 -14.57 17.95 -0.40
C GLU D 65 -15.23 18.24 -1.71
N SER D 66 -16.03 17.29 -2.21
CA SER D 66 -16.65 17.51 -3.50
C SER D 66 -17.81 18.47 -3.47
N PHE D 67 -17.93 19.22 -4.56
CA PHE D 67 -19.01 20.16 -4.76
C PHE D 67 -19.66 19.75 -6.08
N SER D 68 -20.92 19.34 -6.03
CA SER D 68 -21.66 18.92 -7.21
C SER D 68 -23.11 19.39 -7.14
N PHE D 69 -23.72 19.65 -8.30
CA PHE D 69 -25.11 20.10 -8.30
C PHE D 69 -26.02 18.88 -8.09
N ASP D 70 -25.42 17.70 -8.05
CA ASP D 70 -26.17 16.47 -7.83
C ASP D 70 -25.89 15.98 -6.41
N ALA D 71 -26.91 16.03 -5.56
CA ALA D 71 -26.77 15.61 -4.16
C ALA D 71 -26.03 14.29 -3.98
N THR D 72 -26.18 13.40 -4.96
CA THR D 72 -25.52 12.11 -4.91
C THR D 72 -24.00 12.21 -4.81
N PHE D 73 -23.39 13.04 -5.65
CA PHE D 73 -21.95 13.20 -5.66
C PHE D 73 -21.48 14.44 -4.90
N HIS D 74 -22.32 14.95 -4.02
CA HIS D 74 -21.95 16.14 -3.28
C HIS D 74 -21.40 15.88 -1.86
N ALA D 75 -20.41 16.67 -1.46
CA ALA D 75 -19.77 16.55 -0.13
C ALA D 75 -19.04 15.24 0.10
N LYS D 76 -18.42 14.69 -0.94
CA LYS D 76 -17.69 13.43 -0.78
C LYS D 76 -16.21 13.68 -0.51
N LYS D 77 -15.59 12.76 0.22
CA LYS D 77 -14.20 12.87 0.59
C LYS D 77 -13.33 11.86 -0.14
N GLN D 78 -12.02 12.00 0.02
CA GLN D 78 -11.09 11.12 -0.63
C GLN D 78 -9.85 10.89 0.21
N ILE D 79 -9.36 9.66 0.19
CA ILE D 79 -8.14 9.32 0.90
C ILE D 79 -7.25 8.59 -0.11
N PRO D 80 -6.01 9.06 -0.30
CA PRO D 80 -5.11 8.40 -1.25
C PRO D 80 -4.61 7.09 -0.63
N CYS D 81 -4.00 6.24 -1.44
CA CYS D 81 -3.53 4.94 -0.99
C CYS D 81 -2.10 4.65 -1.45
N ILE D 82 -1.16 4.68 -0.52
CA ILE D 82 0.25 4.41 -0.81
C ILE D 82 0.54 2.92 -0.66
N VAL D 83 1.10 2.32 -1.69
CA VAL D 83 1.42 0.90 -1.64
C VAL D 83 2.90 0.79 -1.88
N SER D 84 3.63 0.44 -0.84
CA SER D 84 5.07 0.37 -0.97
C SER D 84 5.74 -0.97 -0.84
N MET D 85 6.59 -1.27 -1.81
CA MET D 85 7.36 -2.48 -1.79
C MET D 85 8.79 -2.04 -1.92
N LEU D 86 9.07 -0.86 -1.40
CA LEU D 86 10.43 -0.34 -1.44
C LEU D 86 11.19 -1.01 -0.30
N THR D 87 12.51 -1.08 -0.45
CA THR D 87 13.34 -1.73 0.56
C THR D 87 14.28 -0.75 1.24
N LYS D 88 14.23 0.51 0.80
CA LYS D 88 15.06 1.56 1.35
C LYS D 88 14.30 2.86 1.37
N GLU D 89 14.88 3.86 2.03
CA GLU D 89 14.30 5.18 2.12
C GLU D 89 14.61 5.92 0.83
N LEU D 90 13.65 6.70 0.36
CA LEU D 90 13.80 7.45 -0.88
C LEU D 90 13.95 8.94 -0.63
N TYR D 91 15.12 9.46 -0.99
CA TYR D 91 15.42 10.87 -0.82
C TYR D 91 15.73 11.47 -2.18
N PHE D 92 15.09 12.58 -2.50
CA PHE D 92 15.34 13.23 -3.78
C PHE D 92 16.59 14.11 -3.73
N TYR D 93 17.04 14.47 -2.54
CA TYR D 93 18.24 15.29 -2.40
C TYR D 93 19.46 14.41 -2.11
N HIS D 94 20.63 15.02 -1.89
CA HIS D 94 21.85 14.25 -1.64
C HIS D 94 22.61 14.69 -0.39
C ACE E 1 12.94 -26.12 7.89
O ACE E 1 13.72 -25.31 7.44
CH3 ACE E 1 12.96 -26.41 9.38
N VAL E 2 12.01 -26.77 7.10
CA VAL E 2 11.76 -26.32 5.73
C VAL E 2 10.77 -25.16 5.70
N ASP E 3 10.68 -24.51 4.56
CA ASP E 3 9.77 -23.40 4.40
C ASP E 3 8.51 -23.86 3.68
N VAL E 4 7.36 -23.39 4.12
CA VAL E 4 6.10 -23.76 3.50
C VAL E 4 5.30 -22.50 3.20
N ALA E 5 4.37 -22.59 2.25
CA ALA E 5 3.57 -21.45 1.86
C ALA E 5 2.33 -21.30 2.72
C ASJ E 6 -0.55 -19.32 2.52
N ASJ E 6 1.77 -20.09 2.73
O ASJ E 6 -1.64 -18.74 3.24
CA ASJ E 6 0.57 -19.77 3.49
CB ASJ E 6 0.85 -18.64 4.48
CG ASJ E 6 0.94 -19.13 5.92
OD1 ASJ E 6 0.25 -20.09 6.29
OD2 ASJ E 6 1.72 -18.54 6.69
C ACE F 1 -15.98 23.81 -10.15
O ACE F 1 -16.08 24.08 -8.96
CH3 ACE F 1 -15.10 24.69 -11.03
N VAL F 2 -16.72 22.80 -10.73
CA VAL F 2 -17.20 21.67 -9.92
C VAL F 2 -16.26 20.47 -9.97
N ASP F 3 -16.53 19.53 -9.07
CA ASP F 3 -15.72 18.32 -8.97
C ASP F 3 -16.44 17.15 -9.64
N VAL F 4 -15.68 16.37 -10.41
CA VAL F 4 -16.24 15.22 -11.09
C VAL F 4 -15.45 13.96 -10.77
N ALA F 5 -16.06 12.80 -11.01
CA ALA F 5 -15.45 11.50 -10.74
C ALA F 5 -14.42 11.08 -11.80
C ASJ F 6 -12.20 8.22 -12.17
N ASJ F 6 -13.49 10.21 -11.40
O ASJ F 6 -12.54 7.53 -13.38
CA ASJ F 6 -12.44 9.72 -12.31
CB ASJ F 6 -11.11 10.45 -12.03
CG ASJ F 6 -10.54 11.15 -13.25
OD1 ASJ F 6 -11.26 11.30 -14.26
OD2 ASJ F 6 -9.36 11.55 -13.20
#